data_3HLF
#
_entry.id   3HLF
#
_cell.length_a   58.470
_cell.length_b   75.066
_cell.length_c   131.819
_cell.angle_alpha   90.000
_cell.angle_beta   90.000
_cell.angle_gamma   90.000
#
_symmetry.space_group_name_H-M   'P 21 21 21'
#
loop_
_entity.id
_entity.type
_entity.pdbx_description
1 polymer Transesterase
2 non-polymer 'Simvastatin acid'
3 water water
#
_entity_poly.entity_id   1
_entity_poly.type   'polypeptide(L)'
_entity_poly.pdbx_seq_one_letter_code
;GSSHHHHHHSSGLVPRGSHMGSIIDAAAAAGPVVLMETAFRKAVESRQIPGAVIMARDASGNLNYTRCFGARTVRRDENN
QLPPLQVDTPCRLAAATKLLTTIMVLQCMERGLVDLDETVDRLLPDLSAMPVLEGFDDAGNARLRERRGKITLRHLLTHT
SGLSYVFLHPLLREYMAQGYLQSAEKFGIQSRLAPPAVNDPGAEWIYGTNLDWAGKLVERATGLDLEQYLQENICAPLGI
TDMTFKLQQRPDMLARRADQTHRNSADGRLRYDDSVYFRADGEECFGGQGVFSSPGSYMKVLHSLLKRDGLLLQPQTVDL
MFQPALEPRLEEQMNQHMDASPHINYGGPMPMVLRRSFGLGGIIALEDLDGENWRRKGSLTFGGGPNIVWQIDPKAGLCT
LAFFQLEPWNDPVCRDLTRTFEHAIYAQYQQG
;
_entity_poly.pdbx_strand_id   A
#
# COMPACT_ATOMS: atom_id res chain seq x y z
N HIS A 8 11.66 42.25 -37.27
CA HIS A 8 11.19 42.87 -35.99
C HIS A 8 9.72 42.51 -35.76
N HIS A 9 9.28 42.58 -34.51
CA HIS A 9 7.92 42.20 -34.11
C HIS A 9 6.83 43.07 -34.74
N SER A 10 5.58 42.63 -34.59
CA SER A 10 4.41 43.34 -35.14
C SER A 10 3.84 44.31 -34.11
N SER A 11 3.39 45.48 -34.58
CA SER A 11 2.92 46.54 -33.69
C SER A 11 1.76 46.12 -32.79
N GLY A 12 2.02 46.08 -31.48
CA GLY A 12 0.98 45.82 -30.49
C GLY A 12 0.77 44.35 -30.18
N LEU A 13 1.64 43.49 -30.73
CA LEU A 13 1.54 42.05 -30.51
C LEU A 13 2.81 41.51 -29.87
N VAL A 14 2.65 40.47 -29.04
CA VAL A 14 3.79 39.86 -28.36
C VAL A 14 4.74 39.20 -29.37
N PRO A 15 6.04 39.49 -29.27
CA PRO A 15 7.01 38.93 -30.22
C PRO A 15 7.25 37.43 -30.00
N ARG A 16 6.47 36.60 -30.68
CA ARG A 16 6.56 35.14 -30.57
C ARG A 16 7.51 34.60 -31.64
N GLY A 17 7.55 33.28 -31.80
CA GLY A 17 8.28 32.66 -32.91
C GLY A 17 7.58 32.90 -34.24
N SER A 18 8.30 33.52 -35.18
CA SER A 18 7.74 33.93 -36.47
C SER A 18 8.08 32.97 -37.62
N HIS A 19 8.98 32.02 -37.35
CA HIS A 19 9.40 31.03 -38.34
C HIS A 19 9.80 29.72 -37.62
N MET A 20 10.22 28.71 -38.39
CA MET A 20 10.60 27.40 -37.83
C MET A 20 11.78 27.46 -36.85
N GLY A 21 12.69 28.40 -37.06
CA GLY A 21 13.84 28.57 -36.18
C GLY A 21 13.48 28.99 -34.76
N SER A 22 12.77 30.10 -34.64
CA SER A 22 12.45 30.71 -33.34
C SER A 22 11.27 30.05 -32.59
N ILE A 23 10.42 29.33 -33.30
CA ILE A 23 9.29 28.62 -32.67
C ILE A 23 9.77 27.37 -31.91
N ILE A 24 10.73 26.66 -32.49
CA ILE A 24 11.37 25.52 -31.83
C ILE A 24 12.16 25.99 -30.60
N ASP A 25 12.77 27.17 -30.71
CA ASP A 25 13.56 27.78 -29.63
C ASP A 25 12.71 28.55 -28.62
N ALA A 26 11.44 28.79 -28.94
CA ALA A 26 10.51 29.49 -28.05
C ALA A 26 10.33 28.77 -26.71
N ALA A 27 10.45 27.45 -26.72
CA ALA A 27 10.46 26.64 -25.51
C ALA A 27 11.66 25.67 -25.53
N ALA A 28 12.25 25.45 -24.36
CA ALA A 28 13.39 24.54 -24.24
C ALA A 28 12.95 23.08 -24.37
N ALA A 29 13.92 22.17 -24.41
CA ALA A 29 13.63 20.74 -24.60
C ALA A 29 12.81 20.15 -23.44
N ALA A 30 12.22 18.99 -23.71
CA ALA A 30 11.35 18.31 -22.76
C ALA A 30 12.15 17.71 -21.60
N GLY A 31 11.83 18.14 -20.39
CA GLY A 31 12.46 17.57 -19.19
C GLY A 31 11.94 16.18 -18.84
N PRO A 32 12.54 15.54 -17.82
CA PRO A 32 12.13 14.20 -17.41
C PRO A 32 10.63 14.00 -17.13
N VAL A 33 10.00 14.96 -16.43
CA VAL A 33 8.59 14.81 -16.04
C VAL A 33 7.65 14.85 -17.26
N VAL A 34 7.90 15.77 -18.18
CA VAL A 34 7.11 15.81 -19.42
C VAL A 34 7.25 14.51 -20.24
N LEU A 35 8.47 13.98 -20.35
CA LEU A 35 8.67 12.72 -21.09
C LEU A 35 7.94 11.56 -20.42
N MET A 36 7.99 11.54 -19.10
CA MET A 36 7.31 10.51 -18.31
C MET A 36 5.80 10.57 -18.51
N GLU A 37 5.22 11.77 -18.54
CA GLU A 37 3.78 11.91 -18.72
C GLU A 37 3.36 11.33 -20.07
N THR A 38 4.19 11.57 -21.08
CA THR A 38 3.95 11.00 -22.41
C THR A 38 3.93 9.48 -22.40
N ALA A 39 4.82 8.85 -21.63
CA ALA A 39 4.81 7.39 -21.46
C ALA A 39 3.49 6.88 -20.83
N PHE A 40 2.98 7.59 -19.81
CA PHE A 40 1.66 7.25 -19.25
C PHE A 40 0.54 7.42 -20.28
N ARG A 41 0.54 8.54 -21.01
CA ARG A 41 -0.50 8.74 -22.01
C ARG A 41 -0.47 7.66 -23.09
N LYS A 42 0.72 7.27 -23.53
CA LYS A 42 0.88 6.18 -24.50
C LYS A 42 0.42 4.82 -23.98
N ALA A 43 0.64 4.53 -22.71
CA ALA A 43 0.17 3.29 -22.10
C ALA A 43 -1.36 3.22 -22.07
N VAL A 44 -2.02 4.34 -21.82
CA VAL A 44 -3.48 4.39 -21.86
C VAL A 44 -3.96 4.26 -23.31
N GLU A 45 -3.36 5.04 -24.21
CA GLU A 45 -3.76 5.09 -25.62
C GLU A 45 -3.61 3.75 -26.32
N SER A 46 -2.55 3.03 -26.02
CA SER A 46 -2.30 1.71 -26.59
C SER A 46 -3.02 0.57 -25.83
N ARG A 47 -3.81 0.93 -24.82
CA ARG A 47 -4.62 -0.01 -24.04
C ARG A 47 -3.78 -0.99 -23.19
N GLN A 48 -2.60 -0.56 -22.75
CA GLN A 48 -1.76 -1.38 -21.87
C GLN A 48 -2.21 -1.28 -20.42
N ILE A 49 -2.69 -0.10 -20.01
CA ILE A 49 -3.30 0.08 -18.69
C ILE A 49 -4.67 0.74 -18.84
N PRO A 50 -5.59 0.55 -17.86
CA PRO A 50 -6.85 1.32 -17.87
C PRO A 50 -6.63 2.79 -17.54
N GLY A 51 -5.84 3.04 -16.50
CA GLY A 51 -5.50 4.39 -16.09
C GLY A 51 -4.59 4.37 -14.89
N ALA A 52 -4.23 5.57 -14.43
CA ALA A 52 -3.37 5.71 -13.25
C ALA A 52 -3.48 7.12 -12.69
N VAL A 53 -3.22 7.25 -11.40
CA VAL A 53 -3.07 8.56 -10.78
C VAL A 53 -1.71 8.54 -10.10
N ILE A 54 -0.91 9.57 -10.38
CA ILE A 54 0.43 9.71 -9.78
C ILE A 54 0.53 11.04 -9.03
N MET A 55 1.13 11.00 -7.85
CA MET A 55 1.16 12.18 -6.98
C MET A 55 2.49 12.27 -6.27
N ALA A 56 2.98 13.49 -6.10
CA ALA A 56 4.23 13.75 -5.41
C ALA A 56 4.11 15.07 -4.63
N ARG A 57 4.62 15.07 -3.41
CA ARG A 57 4.62 16.26 -2.57
C ARG A 57 5.92 16.36 -1.79
N ASP A 58 6.37 17.60 -1.56
CA ASP A 58 7.39 17.88 -0.57
C ASP A 58 6.71 18.49 0.66
N ALA A 59 7.49 18.75 1.69
CA ALA A 59 6.99 19.33 2.93
C ALA A 59 6.64 20.80 2.76
N SER A 60 7.47 21.51 2.01
CA SER A 60 7.35 22.97 1.89
C SER A 60 6.10 23.45 1.17
N GLY A 61 5.54 22.61 0.30
CA GLY A 61 4.45 23.02 -0.60
C GLY A 61 4.88 23.44 -2.01
N ASN A 62 6.19 23.60 -2.22
CA ASN A 62 6.67 23.96 -3.55
C ASN A 62 6.51 22.84 -4.60
N LEU A 63 6.43 21.59 -4.14
CA LEU A 63 6.09 20.46 -5.00
C LEU A 63 4.72 19.97 -4.57
N ASN A 64 3.77 20.09 -5.48
CA ASN A 64 2.41 19.62 -5.30
C ASN A 64 1.91 19.16 -6.68
N TYR A 65 2.29 17.93 -7.01
CA TYR A 65 2.16 17.39 -8.35
C TYR A 65 1.15 16.26 -8.33
N THR A 66 0.12 16.39 -9.16
CA THR A 66 -0.90 15.36 -9.33
C THR A 66 -1.24 15.25 -10.81
N ARG A 67 -1.14 14.03 -11.36
CA ARG A 67 -1.56 13.79 -12.73
C ARG A 67 -2.45 12.55 -12.80
N CYS A 68 -3.51 12.62 -13.62
CA CYS A 68 -4.45 11.51 -13.75
C CYS A 68 -4.56 11.14 -15.21
N PHE A 69 -4.51 9.85 -15.51
CA PHE A 69 -4.49 9.34 -16.87
C PHE A 69 -5.56 8.28 -17.01
N GLY A 70 -6.32 8.32 -18.10
CA GLY A 70 -7.16 7.21 -18.48
C GLY A 70 -8.39 7.02 -17.62
N ALA A 71 -8.84 5.76 -17.55
CA ALA A 71 -10.16 5.40 -17.06
C ALA A 71 -10.10 4.69 -15.73
N ARG A 72 -11.22 4.71 -15.02
CA ARG A 72 -11.36 4.03 -13.73
C ARG A 72 -11.97 2.62 -13.89
N THR A 73 -12.08 2.17 -15.14
CA THR A 73 -12.73 0.91 -15.47
C THR A 73 -12.49 0.56 -16.95
N VAL A 74 -12.81 -0.68 -17.31
CA VAL A 74 -12.88 -1.07 -18.71
C VAL A 74 -14.33 -1.25 -19.15
N ARG A 75 -15.27 -1.06 -18.22
CA ARG A 75 -16.70 -1.15 -18.53
C ARG A 75 -17.26 0.19 -18.99
N ARG A 76 -17.99 0.18 -20.08
CA ARG A 76 -18.52 1.41 -20.63
C ARG A 76 -19.74 1.87 -19.83
N ASP A 77 -19.90 3.17 -19.66
CA ASP A 77 -20.98 3.73 -18.82
C ASP A 77 -22.28 3.87 -19.62
N GLU A 78 -23.27 4.55 -19.03
CA GLU A 78 -24.57 4.72 -19.66
C GLU A 78 -24.53 5.51 -20.98
N ASN A 79 -23.47 6.28 -21.20
CA ASN A 79 -23.33 7.05 -22.43
C ASN A 79 -22.36 6.39 -23.41
N ASN A 80 -21.92 5.17 -23.08
CA ASN A 80 -21.03 4.38 -23.93
C ASN A 80 -19.59 4.88 -23.85
N GLN A 81 -19.26 5.57 -22.76
CA GLN A 81 -17.93 6.13 -22.55
C GLN A 81 -17.21 5.39 -21.43
N LEU A 82 -15.91 5.63 -21.33
CA LEU A 82 -15.08 5.07 -20.28
C LEU A 82 -14.75 6.19 -19.32
N PRO A 83 -15.38 6.20 -18.12
CA PRO A 83 -15.20 7.38 -17.29
C PRO A 83 -13.81 7.46 -16.66
N PRO A 84 -13.37 8.69 -16.34
CA PRO A 84 -11.98 8.91 -15.99
C PRO A 84 -11.58 8.47 -14.57
N LEU A 85 -10.33 8.02 -14.43
CA LEU A 85 -9.77 7.86 -13.09
C LEU A 85 -9.33 9.24 -12.61
N GLN A 86 -9.88 9.67 -11.47
CA GLN A 86 -9.63 11.02 -10.94
C GLN A 86 -8.93 10.98 -9.58
N VAL A 87 -8.40 12.14 -9.16
CA VAL A 87 -7.73 12.24 -7.86
C VAL A 87 -8.68 11.94 -6.69
N ASP A 88 -9.98 12.14 -6.91
CA ASP A 88 -10.98 11.87 -5.89
C ASP A 88 -11.82 10.60 -6.16
N THR A 89 -11.36 9.74 -7.07
CA THR A 89 -12.10 8.50 -7.35
C THR A 89 -11.94 7.50 -6.18
N PRO A 90 -13.05 6.99 -5.65
CA PRO A 90 -12.93 5.93 -4.65
C PRO A 90 -12.25 4.66 -5.20
N CYS A 91 -11.17 4.25 -4.56
CA CYS A 91 -10.39 3.09 -4.97
C CYS A 91 -10.22 2.06 -3.86
N ARG A 92 -10.00 0.80 -4.28
CA ARG A 92 -9.69 -0.29 -3.38
C ARG A 92 -8.21 -0.20 -3.00
N LEU A 93 -7.92 -0.01 -1.71
CA LEU A 93 -6.52 0.15 -1.26
C LEU A 93 -5.79 -1.18 -1.03
N ALA A 94 -6.54 -2.22 -0.71
CA ALA A 94 -5.95 -3.50 -0.32
C ALA A 94 -4.84 -3.25 0.74
N ALA A 95 -3.64 -3.82 0.59
CA ALA A 95 -2.60 -3.69 1.65
C ALA A 95 -2.09 -2.27 1.91
N ALA A 96 -2.44 -1.29 1.07
CA ALA A 96 -2.13 0.11 1.40
C ALA A 96 -2.89 0.54 2.68
N THR A 97 -3.92 -0.22 3.05
CA THR A 97 -4.62 -0.09 4.33
C THR A 97 -3.69 -0.28 5.54
N LYS A 98 -2.67 -1.13 5.40
CA LYS A 98 -1.79 -1.47 6.53
C LYS A 98 -1.08 -0.27 7.18
N LEU A 99 -0.68 0.71 6.37
CA LEU A 99 -0.12 1.94 6.91
C LEU A 99 -1.15 2.67 7.79
N LEU A 100 -2.42 2.66 7.39
CA LEU A 100 -3.45 3.34 8.16
C LEU A 100 -3.62 2.63 9.51
N THR A 101 -3.67 1.30 9.48
CA THR A 101 -3.85 0.52 10.71
C THR A 101 -2.65 0.67 11.65
N THR A 102 -1.44 0.73 11.08
CA THR A 102 -0.21 0.97 11.84
C THR A 102 -0.30 2.32 12.58
N ILE A 103 -0.78 3.34 11.88
CA ILE A 103 -0.98 4.66 12.49
C ILE A 103 -1.97 4.55 13.64
N MET A 104 -3.08 3.85 13.45
CA MET A 104 -4.08 3.72 14.50
C MET A 104 -3.53 3.02 15.75
N VAL A 105 -2.72 1.99 15.55
CA VAL A 105 -2.04 1.31 16.65
C VAL A 105 -1.14 2.28 17.40
N LEU A 106 -0.39 3.09 16.67
CA LEU A 106 0.60 3.94 17.32
C LEU A 106 -0.06 5.07 18.12
N GLN A 107 -1.20 5.55 17.64
CA GLN A 107 -2.04 6.46 18.41
C GLN A 107 -2.50 5.85 19.73
N CYS A 108 -2.89 4.56 19.73
CA CYS A 108 -3.24 3.87 20.98
C CYS A 108 -2.05 3.83 21.94
N MET A 109 -0.85 3.59 21.41
CA MET A 109 0.36 3.64 22.22
C MET A 109 0.56 5.03 22.81
N GLU A 110 0.44 6.07 21.98
CA GLU A 110 0.61 7.44 22.44
C GLU A 110 -0.34 7.79 23.58
N ARG A 111 -1.58 7.32 23.49
CA ARG A 111 -2.59 7.57 24.51
C ARG A 111 -2.52 6.63 25.71
N GLY A 112 -1.48 5.78 25.77
CA GLY A 112 -1.29 4.91 26.92
C GLY A 112 -2.24 3.73 26.98
N LEU A 113 -2.87 3.37 25.86
CA LEU A 113 -3.81 2.25 25.86
C LEU A 113 -3.11 0.91 25.67
N VAL A 114 -1.94 0.94 25.03
CA VAL A 114 -1.18 -0.26 24.74
C VAL A 114 0.32 0.03 24.81
N ASP A 115 1.09 -1.03 24.98
CA ASP A 115 2.54 -0.95 25.00
C ASP A 115 3.02 -1.87 23.89
N LEU A 116 3.98 -1.42 23.09
CA LEU A 116 4.37 -2.18 21.90
C LEU A 116 4.98 -3.53 22.25
N ASP A 117 5.61 -3.62 23.42
CA ASP A 117 6.29 -4.85 23.80
C ASP A 117 5.48 -5.74 24.74
N GLU A 118 4.24 -5.38 25.03
CA GLU A 118 3.41 -6.24 25.87
C GLU A 118 2.88 -7.38 25.02
N THR A 119 2.63 -8.53 25.64
CA THR A 119 2.11 -9.66 24.89
C THR A 119 0.67 -9.32 24.49
N VAL A 120 0.18 -9.99 23.46
CA VAL A 120 -1.17 -9.75 22.93
C VAL A 120 -2.24 -10.49 23.75
N ASP A 121 -1.80 -11.28 24.72
CA ASP A 121 -2.70 -12.17 25.46
C ASP A 121 -3.89 -11.42 26.06
N ARG A 122 -3.64 -10.23 26.60
CA ARG A 122 -4.66 -9.42 27.28
C ARG A 122 -5.80 -8.97 26.34
N LEU A 123 -5.46 -8.39 25.20
CA LEU A 123 -6.51 -7.91 24.27
C LEU A 123 -6.88 -8.92 23.19
N LEU A 124 -5.97 -9.86 22.89
CA LEU A 124 -6.20 -10.86 21.84
C LEU A 124 -5.97 -12.28 22.37
N PRO A 125 -6.76 -12.69 23.37
CA PRO A 125 -6.65 -14.07 23.87
C PRO A 125 -7.02 -15.12 22.81
N ASP A 126 -7.84 -14.71 21.85
CA ASP A 126 -8.19 -15.57 20.71
C ASP A 126 -6.99 -15.81 19.78
N LEU A 127 -6.08 -14.85 19.66
CA LEU A 127 -4.82 -15.07 18.94
C LEU A 127 -3.82 -15.86 19.80
N SER A 128 -3.72 -15.54 21.08
CA SER A 128 -2.78 -16.25 21.97
C SER A 128 -3.06 -17.74 22.04
N ALA A 129 -4.34 -18.10 21.99
CA ALA A 129 -4.75 -19.49 22.05
C ALA A 129 -4.53 -20.26 20.74
N MET A 130 -4.26 -19.57 19.63
CA MET A 130 -4.09 -20.23 18.34
C MET A 130 -2.78 -21.02 18.25
N PRO A 131 -2.86 -22.27 17.77
CA PRO A 131 -1.68 -23.11 17.69
C PRO A 131 -0.85 -22.83 16.43
N VAL A 132 0.33 -23.45 16.37
CA VAL A 132 1.21 -23.40 15.21
C VAL A 132 1.02 -24.67 14.38
N LEU A 133 0.75 -24.49 13.08
CA LEU A 133 0.64 -25.60 12.14
C LEU A 133 2.05 -26.02 11.75
N GLU A 134 2.42 -27.23 12.13
CA GLU A 134 3.79 -27.71 11.94
C GLU A 134 3.94 -28.53 10.65
N GLY A 135 2.84 -29.16 10.23
CA GLY A 135 2.82 -30.00 9.03
C GLY A 135 1.54 -30.79 8.96
N PHE A 136 1.56 -31.91 8.26
CA PHE A 136 0.39 -32.77 8.14
C PHE A 136 0.78 -34.23 8.30
N ASP A 137 -0.14 -35.02 8.86
CA ASP A 137 0.04 -36.48 8.95
C ASP A 137 -0.27 -37.13 7.61
N ASP A 138 0.03 -38.42 7.52
CA ASP A 138 -0.12 -39.16 6.27
C ASP A 138 -1.58 -39.40 5.91
N ALA A 139 -2.43 -39.56 6.91
CA ALA A 139 -3.86 -39.79 6.69
C ALA A 139 -4.59 -38.55 6.16
N GLY A 140 -3.99 -37.38 6.31
CA GLY A 140 -4.59 -36.11 5.88
C GLY A 140 -5.14 -35.33 7.05
N ASN A 141 -4.37 -35.31 8.14
CA ASN A 141 -4.75 -34.61 9.37
C ASN A 141 -3.68 -33.57 9.69
N ALA A 142 -4.11 -32.39 10.13
CA ALA A 142 -3.16 -31.34 10.49
C ALA A 142 -2.43 -31.71 11.78
N ARG A 143 -1.12 -31.47 11.80
CA ARG A 143 -0.32 -31.57 13.03
C ARG A 143 -0.14 -30.18 13.62
N LEU A 144 -0.87 -29.91 14.69
CA LEU A 144 -0.84 -28.61 15.37
C LEU A 144 -0.03 -28.72 16.65
N ARG A 145 0.62 -27.64 17.03
CA ARG A 145 1.36 -27.57 18.31
C ARG A 145 1.24 -26.22 18.98
N GLU A 146 1.68 -26.18 20.24
CA GLU A 146 1.68 -24.97 21.04
C GLU A 146 2.80 -24.03 20.58
N ARG A 147 2.49 -22.72 20.54
CA ARG A 147 3.49 -21.70 20.24
C ARG A 147 4.58 -21.67 21.31
N ARG A 148 5.81 -21.36 20.92
CA ARG A 148 6.89 -21.11 21.87
C ARG A 148 7.16 -19.61 21.91
N GLY A 149 7.09 -19.01 23.09
CA GLY A 149 7.22 -17.56 23.24
C GLY A 149 5.90 -16.86 22.97
N LYS A 150 5.85 -15.56 23.27
CA LYS A 150 4.60 -14.80 23.19
C LYS A 150 4.66 -13.83 22.01
N ILE A 151 3.52 -13.61 21.38
CA ILE A 151 3.39 -12.60 20.33
C ILE A 151 3.18 -11.26 21.03
N THR A 152 3.93 -10.24 20.62
CA THR A 152 3.72 -8.88 21.09
C THR A 152 3.14 -8.04 19.96
N LEU A 153 2.67 -6.85 20.32
CA LEU A 153 2.15 -5.92 19.33
C LEU A 153 3.23 -5.56 18.30
N ARG A 154 4.49 -5.50 18.74
CA ARG A 154 5.59 -5.18 17.83
C ARG A 154 5.86 -6.30 16.82
N HIS A 155 5.63 -7.55 17.22
CA HIS A 155 5.66 -8.65 16.26
C HIS A 155 4.60 -8.48 15.18
N LEU A 156 3.40 -8.04 15.56
CA LEU A 156 2.32 -7.81 14.59
C LEU A 156 2.70 -6.70 13.60
N LEU A 157 3.24 -5.61 14.11
CA LEU A 157 3.56 -4.46 13.26
C LEU A 157 4.72 -4.71 12.30
N THR A 158 5.59 -5.67 12.64
CA THR A 158 6.75 -6.00 11.84
C THR A 158 6.63 -7.31 11.04
N HIS A 159 5.47 -7.96 11.06
CA HIS A 159 5.25 -9.27 10.39
C HIS A 159 6.24 -10.34 10.85
N THR A 160 6.48 -10.43 12.16
CA THR A 160 7.39 -11.42 12.73
C THR A 160 6.70 -12.29 13.79
N SER A 161 5.38 -12.33 13.74
CA SER A 161 4.57 -13.05 14.73
C SER A 161 4.47 -14.56 14.52
N GLY A 162 4.76 -15.02 13.30
CA GLY A 162 4.51 -16.41 12.91
C GLY A 162 3.30 -16.60 12.01
N LEU A 163 2.49 -15.54 11.86
CA LEU A 163 1.30 -15.56 11.00
C LEU A 163 1.68 -15.40 9.52
N SER A 164 0.89 -16.03 8.65
CA SER A 164 1.07 -15.92 7.21
C SER A 164 -0.28 -15.60 6.52
N TYR A 165 -0.31 -15.73 5.21
CA TYR A 165 -1.53 -15.65 4.44
C TYR A 165 -1.77 -17.03 3.84
N VAL A 166 -3.02 -17.45 3.78
CA VAL A 166 -3.40 -18.75 3.23
C VAL A 166 -2.91 -18.91 1.79
N PHE A 167 -3.11 -17.88 0.97
CA PHE A 167 -2.73 -17.91 -0.45
C PHE A 167 -1.23 -17.80 -0.72
N LEU A 168 -0.40 -17.75 0.33
CA LEU A 168 1.06 -17.62 0.17
C LEU A 168 1.91 -18.78 0.68
N HIS A 169 1.51 -19.41 1.79
CA HIS A 169 2.31 -20.46 2.44
C HIS A 169 1.78 -21.85 2.06
N PRO A 170 2.68 -22.80 1.75
CA PRO A 170 2.22 -24.12 1.30
C PRO A 170 1.46 -24.93 2.36
N LEU A 171 1.88 -24.85 3.61
CA LEU A 171 1.16 -25.53 4.70
C LEU A 171 -0.29 -25.06 4.78
N LEU A 172 -0.50 -23.75 4.71
CA LEU A 172 -1.85 -23.18 4.78
C LEU A 172 -2.68 -23.45 3.52
N ARG A 173 -2.04 -23.43 2.34
CA ARG A 173 -2.72 -23.80 1.10
C ARG A 173 -3.30 -25.22 1.21
N GLU A 174 -2.54 -26.13 1.80
CA GLU A 174 -3.02 -27.48 2.06
C GLU A 174 -4.16 -27.49 3.08
N TYR A 175 -4.00 -26.70 4.15
CA TYR A 175 -5.01 -26.54 5.19
C TYR A 175 -6.38 -26.21 4.59
N MET A 176 -6.42 -25.27 3.66
CA MET A 176 -7.66 -24.87 2.99
C MET A 176 -8.22 -26.00 2.12
N ALA A 177 -7.34 -26.66 1.36
CA ALA A 177 -7.73 -27.78 0.49
C ALA A 177 -8.42 -28.91 1.25
N GLN A 178 -7.98 -29.13 2.50
CA GLN A 178 -8.56 -30.18 3.36
C GLN A 178 -9.95 -29.81 3.90
N GLY A 179 -10.35 -28.54 3.76
CA GLY A 179 -11.68 -28.10 4.14
C GLY A 179 -11.79 -27.46 5.51
N TYR A 180 -10.65 -27.07 6.09
CA TYR A 180 -10.63 -26.51 7.44
C TYR A 180 -11.17 -25.09 7.52
N LEU A 181 -11.25 -24.40 6.38
CA LEU A 181 -11.72 -23.01 6.34
C LEU A 181 -13.01 -22.83 5.53
N GLN A 182 -13.77 -23.92 5.33
CA GLN A 182 -15.06 -23.84 4.64
C GLN A 182 -16.04 -22.90 5.36
N SER A 183 -16.09 -23.00 6.69
CA SER A 183 -17.02 -22.23 7.49
C SER A 183 -16.49 -20.87 7.93
N ALA A 184 -15.21 -20.60 7.66
CA ALA A 184 -14.59 -19.33 8.03
C ALA A 184 -14.66 -18.31 6.89
N GLU A 185 -15.85 -18.17 6.29
CA GLU A 185 -16.07 -17.17 5.25
C GLU A 185 -17.54 -16.78 5.11
N LYS A 186 -17.78 -15.50 4.79
CA LYS A 186 -19.13 -14.95 4.60
C LYS A 186 -19.08 -13.95 3.44
N PHE A 187 -20.10 -13.97 2.59
CA PHE A 187 -20.17 -13.13 1.38
C PHE A 187 -19.01 -13.38 0.42
N GLY A 188 -18.43 -14.58 0.46
CA GLY A 188 -17.26 -14.91 -0.35
C GLY A 188 -15.95 -14.29 0.11
N ILE A 189 -15.95 -13.67 1.29
CA ILE A 189 -14.73 -13.09 1.88
C ILE A 189 -14.27 -13.99 3.03
N GLN A 190 -13.03 -14.47 2.95
CA GLN A 190 -12.51 -15.41 3.93
C GLN A 190 -12.00 -14.65 5.15
N SER A 191 -12.26 -15.20 6.34
CA SER A 191 -11.75 -14.60 7.57
C SER A 191 -10.24 -14.54 7.56
N ARG A 192 -9.69 -13.40 7.98
CA ARG A 192 -8.25 -13.25 8.20
C ARG A 192 -7.83 -13.61 9.62
N LEU A 193 -8.77 -14.05 10.46
CA LEU A 193 -8.48 -14.40 11.86
C LEU A 193 -8.45 -15.92 12.12
N ALA A 194 -9.16 -16.70 11.31
CA ALA A 194 -9.32 -18.16 11.53
C ALA A 194 -8.07 -19.04 11.34
N PRO A 195 -7.26 -18.83 10.28
CA PRO A 195 -6.15 -19.76 10.02
C PRO A 195 -5.04 -19.76 11.08
N PRO A 196 -4.38 -20.91 11.28
CA PRO A 196 -3.33 -21.00 12.28
C PRO A 196 -2.00 -20.38 11.83
N ALA A 197 -1.10 -20.18 12.79
CA ALA A 197 0.24 -19.66 12.52
C ALA A 197 1.13 -20.77 11.96
N VAL A 198 2.22 -20.39 11.29
CA VAL A 198 3.16 -21.36 10.70
C VAL A 198 4.55 -21.28 11.33
N ASN A 199 4.74 -20.37 12.27
CA ASN A 199 5.99 -20.35 13.03
C ASN A 199 5.77 -19.67 14.37
N ASP A 200 6.80 -19.70 15.19
CA ASP A 200 6.80 -19.01 16.47
C ASP A 200 7.21 -17.55 16.29
N PRO A 201 6.77 -16.66 17.20
CA PRO A 201 7.10 -15.25 17.08
C PRO A 201 8.60 -15.00 17.20
N GLY A 202 9.10 -14.07 16.39
CA GLY A 202 10.53 -13.79 16.33
C GLY A 202 11.36 -14.72 15.46
N ALA A 203 10.79 -15.82 14.98
CA ALA A 203 11.57 -16.82 14.24
C ALA A 203 11.92 -16.35 12.82
N GLU A 204 10.93 -15.78 12.12
CA GLU A 204 11.19 -15.22 10.80
C GLU A 204 10.21 -14.10 10.43
N TRP A 205 10.62 -13.30 9.45
CA TRP A 205 9.74 -12.33 8.81
C TRP A 205 8.84 -13.12 7.86
N ILE A 206 7.52 -13.02 8.07
CA ILE A 206 6.53 -13.69 7.22
C ILE A 206 5.36 -12.72 6.98
N TYR A 207 5.08 -12.42 5.72
CA TYR A 207 3.97 -11.54 5.39
C TYR A 207 2.66 -12.23 5.75
N GLY A 208 1.85 -11.58 6.59
CA GLY A 208 0.63 -12.22 7.09
C GLY A 208 -0.44 -11.28 7.59
N THR A 209 -1.44 -11.88 8.22
CA THR A 209 -2.67 -11.25 8.70
C THR A 209 -2.47 -10.40 9.96
N ASN A 210 -1.21 -10.02 10.21
CA ASN A 210 -0.82 -9.27 11.38
C ASN A 210 -1.58 -7.98 11.65
N LEU A 211 -1.91 -7.24 10.59
CA LEU A 211 -2.65 -5.98 10.74
C LEU A 211 -4.17 -6.17 10.86
N ASP A 212 -4.70 -7.32 10.45
CA ASP A 212 -6.07 -7.71 10.75
C ASP A 212 -6.22 -7.93 12.26
N TRP A 213 -5.27 -8.63 12.85
CA TRP A 213 -5.23 -8.81 14.29
C TRP A 213 -4.95 -7.49 15.02
N ALA A 214 -4.00 -6.69 14.53
CA ALA A 214 -3.72 -5.39 15.15
C ALA A 214 -4.94 -4.48 15.16
N GLY A 215 -5.72 -4.50 14.09
CA GLY A 215 -6.97 -3.75 14.04
C GLY A 215 -7.98 -4.22 15.08
N LYS A 216 -8.09 -5.53 15.29
CA LYS A 216 -8.92 -6.02 16.40
C LYS A 216 -8.43 -5.48 17.74
N LEU A 217 -7.11 -5.41 17.91
CA LEU A 217 -6.52 -4.90 19.15
C LEU A 217 -6.93 -3.45 19.40
N VAL A 218 -6.87 -2.63 18.35
CA VAL A 218 -7.34 -1.25 18.40
C VAL A 218 -8.81 -1.14 18.80
N GLU A 219 -9.65 -1.98 18.21
CA GLU A 219 -11.08 -1.97 18.51
C GLU A 219 -11.35 -2.31 19.97
N ARG A 220 -10.61 -3.30 20.47
CA ARG A 220 -10.78 -3.76 21.84
C ARG A 220 -10.14 -2.80 22.86
N ALA A 221 -9.05 -2.15 22.48
CA ALA A 221 -8.41 -1.16 23.34
C ALA A 221 -9.25 0.12 23.49
N THR A 222 -10.02 0.45 22.46
CA THR A 222 -10.75 1.71 22.42
C THR A 222 -12.24 1.59 22.64
N GLY A 223 -12.78 0.39 22.50
CA GLY A 223 -14.21 0.19 22.55
C GLY A 223 -14.95 0.71 21.33
N LEU A 224 -14.21 1.07 20.27
CA LEU A 224 -14.83 1.53 19.03
C LEU A 224 -14.56 0.51 17.94
N ASP A 225 -15.48 0.39 16.98
CA ASP A 225 -15.19 -0.40 15.78
C ASP A 225 -14.18 0.37 14.93
N LEU A 226 -13.42 -0.34 14.11
CA LEU A 226 -12.28 0.27 13.41
C LEU A 226 -12.74 1.39 12.49
N GLU A 227 -13.92 1.25 11.90
CA GLU A 227 -14.51 2.29 11.05
C GLU A 227 -14.67 3.60 11.80
N GLN A 228 -15.28 3.55 12.99
CA GLN A 228 -15.48 4.77 13.77
C GLN A 228 -14.14 5.33 14.24
N TYR A 229 -13.22 4.47 14.67
CA TYR A 229 -11.89 4.91 15.07
C TYR A 229 -11.17 5.61 13.91
N LEU A 230 -11.19 4.99 12.74
CA LEU A 230 -10.66 5.58 11.50
C LEU A 230 -11.21 6.98 11.24
N GLN A 231 -12.54 7.12 11.27
CA GLN A 231 -13.19 8.40 10.98
C GLN A 231 -12.75 9.49 11.96
N GLU A 232 -12.72 9.16 13.24
CA GLU A 232 -12.43 10.15 14.30
C GLU A 232 -10.95 10.50 14.41
N ASN A 233 -10.06 9.58 14.06
CA ASN A 233 -8.64 9.75 14.37
C ASN A 233 -7.69 9.90 13.19
N ILE A 234 -8.18 9.60 11.99
CA ILE A 234 -7.40 9.80 10.76
C ILE A 234 -8.12 10.73 9.79
N CYS A 235 -9.38 10.45 9.50
CA CYS A 235 -10.12 11.22 8.52
C CYS A 235 -10.43 12.63 8.99
N ALA A 236 -10.97 12.75 10.20
CA ALA A 236 -11.40 14.05 10.73
C ALA A 236 -10.29 15.09 10.82
N PRO A 237 -9.14 14.73 11.42
CA PRO A 237 -8.04 15.70 11.53
C PRO A 237 -7.45 16.15 10.19
N LEU A 238 -7.63 15.34 9.14
CA LEU A 238 -7.11 15.66 7.81
C LEU A 238 -8.20 16.21 6.88
N GLY A 239 -9.43 16.34 7.38
CA GLY A 239 -10.55 16.80 6.55
C GLY A 239 -10.92 15.85 5.41
N ILE A 240 -10.71 14.55 5.63
CA ILE A 240 -11.00 13.53 4.63
C ILE A 240 -12.44 13.07 4.79
N THR A 241 -13.22 13.04 3.72
CA THR A 241 -14.63 12.65 3.80
C THR A 241 -14.98 11.39 3.00
N ASP A 242 -13.98 10.73 2.43
CA ASP A 242 -14.17 9.60 1.53
C ASP A 242 -13.21 8.43 1.79
N MET A 243 -12.96 8.11 3.05
CA MET A 243 -12.08 7.00 3.41
C MET A 243 -12.85 6.14 4.39
N THR A 244 -13.09 4.87 4.02
CA THR A 244 -14.04 4.01 4.76
C THR A 244 -13.76 2.53 4.56
N PHE A 245 -14.07 1.74 5.58
CA PHE A 245 -14.16 0.27 5.46
C PHE A 245 -15.51 -0.13 4.87
N LYS A 246 -16.48 0.78 4.92
CA LYS A 246 -17.87 0.41 4.63
C LYS A 246 -18.38 1.10 3.36
N LEU A 247 -17.77 0.76 2.23
CA LEU A 247 -18.11 1.35 0.94
C LEU A 247 -19.60 1.16 0.60
N GLN A 248 -20.16 0.00 0.92
CA GLN A 248 -21.56 -0.29 0.59
C GLN A 248 -22.55 0.62 1.31
N GLN A 249 -22.10 1.32 2.36
CA GLN A 249 -22.95 2.28 3.06
C GLN A 249 -22.78 3.71 2.55
N ARG A 250 -22.02 3.90 1.47
CA ARG A 250 -21.80 5.21 0.87
C ARG A 250 -22.21 5.22 -0.60
N PRO A 251 -23.51 5.47 -0.89
CA PRO A 251 -24.00 5.53 -2.28
C PRO A 251 -23.28 6.55 -3.15
N ASP A 252 -22.89 7.68 -2.57
CA ASP A 252 -22.13 8.71 -3.28
C ASP A 252 -20.74 8.23 -3.76
N MET A 253 -20.05 7.42 -2.95
CA MET A 253 -18.79 6.81 -3.39
C MET A 253 -19.02 5.66 -4.37
N LEU A 254 -20.02 4.83 -4.11
CA LEU A 254 -20.40 3.73 -5.03
C LEU A 254 -20.68 4.22 -6.45
N ALA A 255 -21.41 5.33 -6.57
CA ALA A 255 -21.73 5.85 -7.88
C ALA A 255 -20.49 6.31 -8.66
N ARG A 256 -19.37 6.60 -7.98
CA ARG A 256 -18.17 7.14 -8.63
C ARG A 256 -16.96 6.21 -8.61
N ARG A 257 -17.09 5.03 -8.00
CA ARG A 257 -15.93 4.22 -7.69
C ARG A 257 -15.26 3.65 -8.93
N ALA A 258 -13.97 3.38 -8.80
CA ALA A 258 -13.26 2.54 -9.75
C ALA A 258 -13.82 1.11 -9.77
N ASP A 259 -13.74 0.46 -10.92
CA ASP A 259 -13.83 -1.00 -10.99
C ASP A 259 -12.41 -1.55 -10.99
N GLN A 260 -12.26 -2.77 -10.49
CA GLN A 260 -10.99 -3.48 -10.60
C GLN A 260 -10.85 -4.04 -12.02
N THR A 261 -9.63 -3.95 -12.54
CA THR A 261 -9.30 -4.52 -13.84
C THR A 261 -8.27 -5.62 -13.61
N HIS A 262 -8.33 -6.68 -14.41
CA HIS A 262 -7.38 -7.78 -14.30
C HIS A 262 -6.70 -7.98 -15.63
N ARG A 263 -5.38 -8.21 -15.61
CA ARG A 263 -4.69 -8.58 -16.82
C ARG A 263 -4.58 -10.11 -16.95
N ASN A 264 -5.13 -10.66 -18.03
CA ASN A 264 -5.07 -12.10 -18.26
C ASN A 264 -3.65 -12.56 -18.61
N SER A 265 -3.19 -13.60 -17.93
CA SER A 265 -1.85 -14.14 -18.14
C SER A 265 -1.59 -14.63 -19.56
N ALA A 266 -2.63 -15.14 -20.23
CA ALA A 266 -2.49 -15.77 -21.54
C ALA A 266 -2.24 -14.78 -22.68
N ASP A 267 -3.03 -13.70 -22.76
CA ASP A 267 -2.90 -12.74 -23.88
C ASP A 267 -2.64 -11.30 -23.45
N GLY A 268 -2.40 -11.08 -22.16
CA GLY A 268 -2.04 -9.74 -21.67
C GLY A 268 -3.13 -8.69 -21.81
N ARG A 269 -4.36 -9.14 -22.05
CA ARG A 269 -5.49 -8.25 -22.31
C ARG A 269 -6.10 -7.83 -20.96
N LEU A 270 -6.68 -6.65 -20.94
CA LEU A 270 -7.34 -6.13 -19.74
C LEU A 270 -8.79 -6.56 -19.73
N ARG A 271 -9.26 -7.07 -18.59
CA ARG A 271 -10.67 -7.42 -18.44
C ARG A 271 -11.25 -6.92 -17.14
N TYR A 272 -12.57 -6.72 -17.15
CA TYR A 272 -13.28 -6.36 -15.94
C TYR A 272 -13.14 -7.48 -14.89
N ASP A 273 -12.82 -7.10 -13.65
CA ASP A 273 -12.58 -8.04 -12.55
C ASP A 273 -13.71 -7.83 -11.56
N ASP A 274 -14.68 -8.73 -11.58
CA ASP A 274 -15.83 -8.69 -10.70
C ASP A 274 -15.40 -9.14 -9.29
N SER A 275 -14.66 -8.28 -8.60
CA SER A 275 -14.03 -8.63 -7.32
C SER A 275 -15.07 -8.69 -6.21
N VAL A 276 -15.02 -9.76 -5.40
CA VAL A 276 -15.89 -9.88 -4.23
C VAL A 276 -15.79 -8.65 -3.32
N TYR A 277 -14.62 -8.03 -3.31
CA TYR A 277 -14.37 -6.89 -2.42
C TYR A 277 -15.13 -5.63 -2.81
N PHE A 278 -15.61 -5.55 -4.04
CA PHE A 278 -16.43 -4.42 -4.48
C PHE A 278 -17.95 -4.67 -4.40
N ARG A 279 -18.39 -5.86 -4.02
CA ARG A 279 -19.83 -6.09 -3.80
C ARG A 279 -20.25 -6.38 -2.35
N ALA A 280 -19.29 -6.62 -1.47
CA ALA A 280 -19.59 -6.82 -0.04
C ALA A 280 -18.43 -6.30 0.81
N ASP A 281 -18.76 -5.54 1.84
CA ASP A 281 -17.77 -5.03 2.79
C ASP A 281 -17.28 -6.11 3.74
N GLY A 282 -18.14 -7.09 4.01
CA GLY A 282 -17.88 -8.09 5.06
C GLY A 282 -18.41 -7.57 6.37
N GLU A 283 -18.58 -8.46 7.34
CA GLU A 283 -19.10 -8.06 8.66
C GLU A 283 -18.11 -7.18 9.41
N GLU A 284 -16.85 -7.60 9.44
CA GLU A 284 -15.85 -6.91 10.26
C GLU A 284 -14.75 -6.19 9.47
N CYS A 285 -14.16 -5.21 10.13
CA CYS A 285 -13.11 -4.40 9.54
C CYS A 285 -11.80 -5.15 9.62
N PHE A 286 -11.19 -5.40 8.47
CA PHE A 286 -9.91 -6.06 8.42
C PHE A 286 -8.84 -5.02 8.11
N GLY A 287 -8.08 -4.64 9.14
CA GLY A 287 -7.09 -3.58 9.02
C GLY A 287 -5.92 -3.87 8.12
N GLY A 288 -5.81 -5.09 7.61
CA GLY A 288 -4.79 -5.45 6.64
C GLY A 288 -5.12 -5.10 5.20
N GLN A 289 -6.40 -4.93 4.89
CA GLN A 289 -6.84 -4.89 3.49
C GLN A 289 -8.11 -4.10 3.17
N GLY A 290 -8.84 -3.60 4.17
CA GLY A 290 -10.26 -3.29 3.98
C GLY A 290 -10.71 -1.88 3.62
N VAL A 291 -9.79 -0.92 3.52
CA VAL A 291 -10.19 0.47 3.33
C VAL A 291 -10.33 0.85 1.85
N PHE A 292 -11.38 1.62 1.56
CA PHE A 292 -11.54 2.25 0.25
C PHE A 292 -11.33 3.75 0.40
N SER A 293 -10.53 4.32 -0.50
CA SER A 293 -10.32 5.75 -0.52
C SER A 293 -9.82 6.27 -1.86
N SER A 294 -9.76 7.59 -1.98
CA SER A 294 -9.21 8.21 -3.18
C SER A 294 -7.70 8.37 -3.03
N PRO A 295 -6.99 8.48 -4.16
CA PRO A 295 -5.55 8.79 -4.12
C PRO A 295 -5.27 10.08 -3.37
N GLY A 296 -6.12 11.08 -3.59
CA GLY A 296 -6.02 12.39 -2.91
C GLY A 296 -6.00 12.31 -1.39
N SER A 297 -6.94 11.56 -0.84
CA SER A 297 -7.02 11.38 0.60
C SER A 297 -5.84 10.56 1.13
N TYR A 298 -5.42 9.53 0.38
CA TYR A 298 -4.24 8.76 0.79
C TYR A 298 -2.97 9.62 0.84
N MET A 299 -2.78 10.47 -0.16
CA MET A 299 -1.65 11.39 -0.15
C MET A 299 -1.70 12.35 1.05
N LYS A 300 -2.89 12.76 1.49
CA LYS A 300 -2.99 13.58 2.70
C LYS A 300 -2.36 12.88 3.91
N VAL A 301 -2.50 11.55 3.98
CA VAL A 301 -1.87 10.79 5.05
C VAL A 301 -0.34 10.81 4.94
N LEU A 302 0.17 10.49 3.75
CA LEU A 302 1.60 10.48 3.47
C LEU A 302 2.24 11.84 3.74
N HIS A 303 1.59 12.89 3.25
CA HIS A 303 2.09 14.26 3.38
C HIS A 303 2.18 14.75 4.84
N SER A 304 1.18 14.40 5.64
CA SER A 304 1.17 14.73 7.08
C SER A 304 2.36 14.06 7.79
N LEU A 305 2.61 12.81 7.44
CA LEU A 305 3.74 12.08 7.99
C LEU A 305 5.07 12.72 7.55
N LEU A 306 5.19 13.07 6.28
CA LEU A 306 6.39 13.74 5.77
C LEU A 306 6.61 15.06 6.51
N LYS A 307 5.56 15.85 6.65
CA LYS A 307 5.64 17.17 7.29
C LYS A 307 5.90 17.10 8.80
N ARG A 308 5.67 15.93 9.39
CA ARG A 308 5.76 15.78 10.85
CA ARG A 308 5.70 15.76 10.85
C ARG A 308 4.93 16.90 11.51
N ASP A 309 3.70 17.11 11.03
CA ASP A 309 2.85 18.21 11.50
C ASP A 309 1.98 17.86 12.73
N GLY A 310 2.16 16.66 13.28
CA GLY A 310 1.44 16.27 14.50
C GLY A 310 -0.05 16.03 14.37
N LEU A 311 -0.60 16.07 13.16
CA LEU A 311 -2.04 15.88 12.97
C LEU A 311 -2.49 14.43 13.22
N LEU A 312 -1.62 13.47 12.93
CA LEU A 312 -1.96 12.05 13.15
C LEU A 312 -1.21 11.45 14.33
N LEU A 313 0.09 11.77 14.40
CA LEU A 313 1.01 11.24 15.40
C LEU A 313 2.00 12.34 15.75
N GLN A 314 2.58 12.25 16.95
CA GLN A 314 3.67 13.14 17.32
C GLN A 314 4.90 12.83 16.46
N PRO A 315 5.67 13.86 16.08
CA PRO A 315 6.87 13.66 15.26
C PRO A 315 7.80 12.54 15.74
N GLN A 316 8.06 12.45 17.04
CA GLN A 316 8.92 11.37 17.54
C GLN A 316 8.32 9.97 17.35
N THR A 317 6.98 9.86 17.31
CA THR A 317 6.34 8.55 17.07
C THR A 317 6.48 8.19 15.60
N VAL A 318 6.32 9.17 14.72
CA VAL A 318 6.53 8.97 13.29
C VAL A 318 7.98 8.51 13.05
N ASP A 319 8.94 9.12 13.74
CA ASP A 319 10.35 8.72 13.61
C ASP A 319 10.55 7.24 13.91
N LEU A 320 9.81 6.72 14.88
CA LEU A 320 9.86 5.30 15.22
C LEU A 320 9.49 4.40 14.03
N MET A 321 8.56 4.85 13.19
CA MET A 321 8.12 4.07 12.04
C MET A 321 9.24 3.80 11.03
N PHE A 322 10.14 4.76 10.90
CA PHE A 322 11.25 4.71 9.97
C PHE A 322 12.52 4.05 10.53
N GLN A 323 12.50 3.53 11.75
CA GLN A 323 13.70 2.87 12.31
C GLN A 323 13.67 1.38 12.02
N PRO A 324 14.80 0.82 11.54
CA PRO A 324 14.90 -0.63 11.34
C PRO A 324 14.54 -1.41 12.61
N ALA A 325 13.49 -2.21 12.54
CA ALA A 325 12.96 -2.90 13.73
C ALA A 325 13.56 -4.28 13.93
N LEU A 326 14.26 -4.81 12.93
CA LEU A 326 14.69 -6.20 12.95
C LEU A 326 16.12 -6.35 13.46
N GLU A 327 16.33 -7.33 14.33
CA GLU A 327 17.69 -7.70 14.75
C GLU A 327 18.40 -8.34 13.56
N PRO A 328 19.75 -8.38 13.59
CA PRO A 328 20.51 -8.88 12.45
C PRO A 328 20.04 -10.20 11.83
N ARG A 329 19.75 -11.21 12.66
CA ARG A 329 19.29 -12.50 12.15
C ARG A 329 18.03 -12.38 11.28
N LEU A 330 17.05 -11.62 11.75
CA LEU A 330 15.80 -11.42 10.99
C LEU A 330 15.99 -10.52 9.77
N GLU A 331 16.79 -9.47 9.92
CA GLU A 331 17.09 -8.59 8.79
C GLU A 331 17.68 -9.39 7.63
N GLU A 332 18.61 -10.30 7.95
CA GLU A 332 19.26 -11.06 6.90
C GLU A 332 18.31 -12.09 6.30
N GLN A 333 17.47 -12.70 7.13
CA GLN A 333 16.48 -13.66 6.63
C GLN A 333 15.43 -12.99 5.73
N MET A 334 14.99 -11.79 6.10
CA MET A 334 13.98 -11.07 5.29
C MET A 334 14.56 -10.71 3.92
N ASN A 335 15.77 -10.18 3.92
CA ASN A 335 16.47 -9.84 2.68
C ASN A 335 16.72 -11.06 1.79
N GLN A 336 17.10 -12.19 2.38
CA GLN A 336 17.24 -13.45 1.64
C GLN A 336 15.92 -13.86 0.98
N HIS A 337 14.85 -13.82 1.76
CA HIS A 337 13.52 -14.18 1.27
C HIS A 337 13.10 -13.27 0.13
N MET A 338 13.28 -11.97 0.32
CA MET A 338 12.82 -10.99 -0.65
C MET A 338 13.65 -11.04 -1.93
N ASP A 339 14.97 -11.16 -1.79
CA ASP A 339 15.85 -11.33 -2.95
C ASP A 339 15.51 -12.59 -3.76
N ALA A 340 15.12 -13.66 -3.08
CA ALA A 340 14.75 -14.92 -3.76
C ALA A 340 13.30 -14.96 -4.26
N SER A 341 12.53 -13.89 -4.02
CA SER A 341 11.11 -13.89 -4.32
C SER A 341 10.68 -12.70 -5.20
N PRO A 342 11.35 -12.51 -6.36
CA PRO A 342 10.89 -11.44 -7.26
C PRO A 342 9.51 -11.72 -7.87
N HIS A 343 9.03 -12.97 -7.80
CA HIS A 343 7.65 -13.26 -8.21
C HIS A 343 6.60 -12.72 -7.23
N ILE A 344 6.99 -12.48 -5.98
CA ILE A 344 6.13 -11.79 -5.02
C ILE A 344 6.40 -10.28 -5.07
N ASN A 345 7.67 -9.92 -4.88
CA ASN A 345 8.14 -8.54 -4.99
C ASN A 345 7.39 -7.52 -4.12
N TYR A 346 7.59 -7.60 -2.81
CA TYR A 346 6.90 -6.72 -1.85
C TYR A 346 7.30 -5.26 -2.10
N GLY A 347 8.53 -5.05 -2.56
CA GLY A 347 9.07 -3.72 -2.80
C GLY A 347 8.72 -3.03 -4.12
N GLY A 348 7.93 -3.68 -4.97
CA GLY A 348 7.43 -3.06 -6.20
C GLY A 348 8.50 -2.54 -7.15
N PRO A 349 8.58 -1.22 -7.36
CA PRO A 349 9.58 -0.68 -8.28
C PRO A 349 11.03 -0.71 -7.80
N MET A 350 11.28 -0.97 -6.52
CA MET A 350 12.65 -0.95 -5.99
C MET A 350 13.51 -2.02 -6.68
N PRO A 351 14.84 -1.82 -6.71
CA PRO A 351 15.71 -2.85 -7.30
C PRO A 351 15.47 -4.19 -6.61
N MET A 352 15.53 -5.26 -7.40
CA MET A 352 15.09 -6.58 -6.92
C MET A 352 16.07 -7.12 -5.87
N VAL A 353 17.32 -6.66 -5.93
CA VAL A 353 18.30 -6.93 -4.88
C VAL A 353 18.63 -5.60 -4.23
N LEU A 354 18.36 -5.51 -2.93
CA LEU A 354 18.54 -4.28 -2.15
C LEU A 354 18.68 -4.65 -0.69
N ARG A 355 19.53 -3.95 0.06
CA ARG A 355 19.61 -4.16 1.50
CA ARG A 355 19.59 -4.17 1.49
C ARG A 355 18.45 -3.40 2.15
N ARG A 356 17.56 -4.15 2.82
CA ARG A 356 16.36 -3.59 3.43
C ARG A 356 16.22 -4.00 4.89
N SER A 357 15.34 -3.29 5.60
CA SER A 357 14.80 -3.78 6.86
C SER A 357 13.29 -3.56 6.85
N PHE A 358 12.65 -3.83 7.98
CA PHE A 358 11.23 -3.51 8.14
C PHE A 358 11.08 -2.57 9.34
N GLY A 359 10.27 -1.53 9.18
CA GLY A 359 10.01 -0.56 10.23
C GLY A 359 8.67 -0.87 10.85
N LEU A 360 7.93 0.17 11.23
CA LEU A 360 6.53 -0.01 11.60
C LEU A 360 5.71 0.66 10.49
N GLY A 361 5.10 -0.15 9.65
CA GLY A 361 4.27 0.38 8.54
C GLY A 361 4.78 0.08 7.13
N GLY A 362 6.03 -0.37 7.03
CA GLY A 362 6.57 -0.74 5.72
C GLY A 362 8.03 -1.15 5.70
N ILE A 363 8.53 -1.31 4.49
CA ILE A 363 9.92 -1.70 4.25
C ILE A 363 10.79 -0.45 4.26
N ILE A 364 11.96 -0.54 4.89
CA ILE A 364 12.92 0.56 4.94
C ILE A 364 14.11 0.26 4.04
N ALA A 365 14.52 1.23 3.23
CA ALA A 365 15.70 1.07 2.40
C ALA A 365 16.90 1.31 3.31
N LEU A 366 17.82 0.35 3.36
CA LEU A 366 19.05 0.50 4.17
C LEU A 366 20.23 1.05 3.36
N GLU A 367 19.99 1.30 2.08
CA GLU A 367 20.98 1.94 1.21
C GLU A 367 20.24 2.74 0.16
N ASP A 368 20.96 3.68 -0.46
CA ASP A 368 20.42 4.45 -1.56
C ASP A 368 20.11 3.52 -2.72
N LEU A 369 18.96 3.74 -3.36
CA LEU A 369 18.54 2.91 -4.49
C LEU A 369 19.41 3.10 -5.72
N ASP A 370 19.85 4.34 -5.95
CA ASP A 370 20.75 4.66 -7.05
C ASP A 370 21.49 5.96 -6.75
N GLY A 371 22.36 5.92 -5.74
CA GLY A 371 23.11 7.09 -5.29
C GLY A 371 22.20 8.27 -5.01
N GLU A 372 22.44 9.38 -5.71
CA GLU A 372 21.67 10.61 -5.52
C GLU A 372 20.57 10.82 -6.58
N ASN A 373 20.28 9.80 -7.37
CA ASN A 373 19.31 9.90 -8.44
C ASN A 373 17.88 9.51 -8.02
N TRP A 374 17.74 8.79 -6.90
CA TRP A 374 16.44 8.19 -6.55
C TRP A 374 16.29 8.05 -5.03
N ARG A 375 15.47 7.13 -4.55
CA ARG A 375 15.14 7.07 -3.14
C ARG A 375 16.41 6.85 -2.31
N ARG A 376 16.45 7.51 -1.15
CA ARG A 376 17.61 7.45 -0.30
C ARG A 376 17.37 6.44 0.81
N LYS A 377 18.48 6.00 1.40
CA LYS A 377 18.52 5.28 2.66
C LYS A 377 17.57 5.93 3.67
N GLY A 378 16.86 5.10 4.43
CA GLY A 378 15.90 5.58 5.42
C GLY A 378 14.49 5.81 4.85
N SER A 379 14.29 5.60 3.56
CA SER A 379 12.96 5.76 2.94
C SER A 379 12.04 4.58 3.30
N LEU A 380 10.75 4.85 3.48
CA LEU A 380 9.79 3.84 3.90
C LEU A 380 8.78 3.61 2.78
N THR A 381 8.40 2.35 2.56
CA THR A 381 7.54 2.01 1.43
C THR A 381 6.72 0.75 1.66
N PHE A 382 5.56 0.71 1.00
CA PHE A 382 4.82 -0.52 0.83
C PHE A 382 3.84 -0.33 -0.35
N GLY A 383 2.85 -1.20 -0.46
CA GLY A 383 1.92 -1.14 -1.58
C GLY A 383 0.62 -1.85 -1.28
N GLY A 384 -0.27 -1.84 -2.28
CA GLY A 384 -1.52 -2.60 -2.24
C GLY A 384 -1.68 -3.40 -3.51
N GLY A 385 -2.34 -4.55 -3.40
CA GLY A 385 -2.61 -5.48 -4.49
C GLY A 385 -2.79 -4.92 -5.89
N PRO A 386 -3.69 -3.96 -6.07
CA PRO A 386 -3.94 -3.41 -7.42
C PRO A 386 -2.84 -2.50 -7.98
N ASN A 387 -1.57 -2.81 -7.69
CA ASN A 387 -0.40 -2.06 -8.14
C ASN A 387 -0.33 -0.64 -7.60
N ILE A 388 -0.73 -0.47 -6.34
CA ILE A 388 -0.60 0.80 -5.66
C ILE A 388 0.76 0.75 -4.96
N VAL A 389 1.55 1.81 -5.10
CA VAL A 389 2.84 1.90 -4.41
C VAL A 389 2.96 3.26 -3.75
N TRP A 390 3.31 3.29 -2.46
CA TRP A 390 3.57 4.54 -1.75
C TRP A 390 4.98 4.50 -1.17
N GLN A 391 5.58 5.67 -1.02
CA GLN A 391 6.86 5.79 -0.32
C GLN A 391 7.02 7.17 0.30
N ILE A 392 7.74 7.22 1.42
CA ILE A 392 8.08 8.48 2.09
C ILE A 392 9.60 8.49 2.28
N ASP A 393 10.26 9.57 1.82
CA ASP A 393 11.71 9.69 1.80
C ASP A 393 12.15 10.95 2.58
N PRO A 394 12.31 10.83 3.91
CA PRO A 394 12.69 12.00 4.71
C PRO A 394 13.95 12.73 4.25
N LYS A 395 14.98 11.99 3.85
CA LYS A 395 16.25 12.58 3.37
C LYS A 395 16.07 13.41 2.10
N ALA A 396 15.29 12.92 1.13
CA ALA A 396 15.05 13.66 -0.11
C ALA A 396 14.00 14.77 0.04
N GLY A 397 13.23 14.73 1.12
CA GLY A 397 12.14 15.67 1.34
C GLY A 397 10.94 15.43 0.41
N LEU A 398 10.68 14.17 0.04
CA LEU A 398 9.60 13.83 -0.90
C LEU A 398 8.77 12.66 -0.40
N CYS A 399 7.50 12.65 -0.81
CA CYS A 399 6.69 11.46 -0.74
C CYS A 399 5.95 11.29 -2.07
N THR A 400 5.74 10.05 -2.47
CA THR A 400 5.12 9.77 -3.75
C THR A 400 4.16 8.62 -3.66
N LEU A 401 3.19 8.65 -4.58
CA LEU A 401 2.23 7.57 -4.69
CA LEU A 401 2.14 7.65 -4.68
C LEU A 401 1.84 7.37 -6.14
N ALA A 402 1.74 6.09 -6.50
CA ALA A 402 1.30 5.67 -7.81
C ALA A 402 0.13 4.74 -7.56
N PHE A 403 -1.05 5.14 -8.04
CA PHE A 403 -2.29 4.45 -7.80
C PHE A 403 -2.79 3.90 -9.11
N PHE A 404 -2.89 2.58 -9.17
CA PHE A 404 -3.55 1.91 -10.27
C PHE A 404 -4.72 1.15 -9.64
N GLN A 405 -5.58 0.58 -10.49
CA GLN A 405 -6.64 -0.32 -10.06
C GLN A 405 -6.59 -1.54 -10.98
N LEU A 406 -5.44 -2.20 -10.95
CA LEU A 406 -5.11 -3.28 -11.87
C LEU A 406 -4.45 -4.41 -11.10
N GLU A 407 -5.00 -5.62 -11.22
CA GLU A 407 -4.34 -6.82 -10.70
C GLU A 407 -3.89 -7.71 -11.86
N PRO A 408 -2.97 -8.65 -11.61
CA PRO A 408 -2.32 -8.96 -10.34
C PRO A 408 -1.26 -7.94 -9.97
N TRP A 409 -0.94 -7.91 -8.68
CA TRP A 409 0.23 -7.22 -8.14
C TRP A 409 1.50 -7.50 -8.97
N ASN A 410 2.43 -6.54 -8.98
CA ASN A 410 3.74 -6.69 -9.62
C ASN A 410 3.60 -6.78 -11.13
N ASP A 411 2.62 -6.07 -11.70
CA ASP A 411 2.43 -6.04 -13.14
C ASP A 411 3.61 -5.29 -13.78
N PRO A 412 4.29 -5.91 -14.77
CA PRO A 412 5.48 -5.27 -15.35
C PRO A 412 5.24 -3.87 -15.93
N VAL A 413 4.15 -3.68 -16.67
CA VAL A 413 3.84 -2.35 -17.20
C VAL A 413 3.68 -1.29 -16.08
N CYS A 414 2.93 -1.63 -15.04
CA CYS A 414 2.71 -0.72 -13.93
C CYS A 414 4.00 -0.42 -13.18
N ARG A 415 4.79 -1.46 -12.93
CA ARG A 415 6.05 -1.30 -12.21
CA ARG A 415 6.07 -1.35 -12.24
C ARG A 415 7.00 -0.41 -13.01
N ASP A 416 7.11 -0.63 -14.31
CA ASP A 416 7.96 0.19 -15.17
C ASP A 416 7.53 1.65 -15.21
N LEU A 417 6.23 1.89 -15.37
CA LEU A 417 5.69 3.26 -15.32
C LEU A 417 5.93 3.94 -13.97
N THR A 418 5.76 3.19 -12.87
CA THR A 418 5.99 3.69 -11.52
C THR A 418 7.44 4.12 -11.31
N ARG A 419 8.36 3.28 -11.78
CA ARG A 419 9.78 3.60 -11.74
C ARG A 419 10.08 4.87 -12.53
N THR A 420 9.47 4.98 -13.72
CA THR A 420 9.70 6.14 -14.59
C THR A 420 9.19 7.44 -13.96
N PHE A 421 8.00 7.36 -13.36
CA PHE A 421 7.42 8.45 -12.56
C PHE A 421 8.36 8.90 -11.45
N GLU A 422 8.77 7.99 -10.56
CA GLU A 422 9.64 8.37 -9.45
C GLU A 422 10.99 8.90 -9.92
N HIS A 423 11.62 8.24 -10.89
CA HIS A 423 12.90 8.72 -11.43
C HIS A 423 12.80 10.16 -11.95
N ALA A 424 11.73 10.45 -12.69
CA ALA A 424 11.49 11.79 -13.26
C ALA A 424 11.29 12.86 -12.18
N ILE A 425 10.44 12.56 -11.20
CA ILE A 425 10.20 13.47 -10.07
C ILE A 425 11.48 13.73 -9.27
N TYR A 426 12.23 12.67 -8.95
CA TYR A 426 13.49 12.86 -8.24
C TYR A 426 14.48 13.70 -9.06
N ALA A 427 14.54 13.43 -10.37
CA ALA A 427 15.47 14.16 -11.23
C ALA A 427 15.20 15.67 -11.26
N GLN A 428 13.92 16.07 -11.31
CA GLN A 428 13.58 17.50 -11.36
C GLN A 428 13.40 18.19 -10.02
N TYR A 429 12.98 17.45 -8.99
CA TYR A 429 12.46 18.10 -7.79
C TYR A 429 13.07 17.65 -6.47
N GLN A 430 13.98 16.67 -6.50
CA GLN A 430 14.56 16.18 -5.24
C GLN A 430 15.44 17.29 -4.71
N GLN A 431 15.45 17.49 -3.41
CA GLN A 431 16.33 18.50 -2.84
C GLN A 431 17.35 17.99 -1.81
N GLY A 432 18.60 18.41 -1.99
CA GLY A 432 19.68 18.06 -1.07
C GLY A 432 20.20 16.65 -1.30
#